data_8SE5
#
_entry.id   8SE5
#
_cell.length_a   100.210
_cell.length_b   43.361
_cell.length_c   64.526
_cell.angle_alpha   90.00
_cell.angle_beta   102.87
_cell.angle_gamma   90.00
#
_symmetry.space_group_name_H-M   'C 1 2 1'
#
loop_
_entity.id
_entity.type
_entity.pdbx_description
1 polymer 'NKG2-D type II integral membrane protein'
2 non-polymer 'TRIETHYLENE GLYCOL'
3 non-polymer DI(HYDROXYETHYL)ETHER
4 non-polymer "N-{(1S)-2-[(1R,5S,6S)-6-(hydroxymethyl)-3-azabicyclo[3.1.0]hexan-3-yl]-2-oxo-1-[3-(trifluoromethyl)phenyl]ethyl}-4'-(trifluoromethyl)[1,1'-biphenyl]-2-carboxamide"
5 water water
#
_entity_poly.entity_id   1
_entity_poly.type   'polypeptide(L)'
_entity_poly.pdbx_seq_one_letter_code
;MGPLTESYCGPCPKNWICYKNNCYQFFDEEKNWYESQASCMSQNASLLKVYSKEDQDLLKLVKSYHWMGLVHIPTNGSWQ
WEDGSSLSPNLLTIIEMQKGDCALYASSFKGYIENCSTPNTYICMQRTV
;
_entity_poly.pdbx_strand_id   B,A
#
loop_
_chem_comp.id
_chem_comp.type
_chem_comp.name
_chem_comp.formula
PEG non-polymer DI(HYDROXYETHYL)ETHER 'C4 H10 O3'
PGE non-polymer 'TRIETHYLENE GLYCOL' 'C6 H14 O4'
ZW7 non-polymer N-{(1S)-2-[(1R,5S,6S)-6-(hydroxymethyl)-3-azabicyclo[3.1.0]hexan-3-yl]-2-oxo-1-[3-(trifluoromethyl)phenyl]ethyl}-4'-(trifluoromethyl)[1,1'-biphenyl]-2-carboxamide 'C29 H24 F6 N2 O3'
#
# COMPACT_ATOMS: atom_id res chain seq x y z
N LEU A 4 3.38 17.58 7.84
CA LEU A 4 2.88 18.13 6.57
C LEU A 4 3.99 18.72 5.68
N THR A 5 5.20 18.84 6.22
CA THR A 5 6.34 19.24 5.42
C THR A 5 6.58 18.21 4.32
N GLU A 6 7.04 18.70 3.16
CA GLU A 6 7.18 17.88 1.97
C GLU A 6 8.63 17.49 1.74
N SER A 7 8.83 16.32 1.12
CA SER A 7 10.15 15.85 0.74
C SER A 7 9.99 14.84 -0.38
N TYR A 8 11.08 14.61 -1.11
CA TYR A 8 11.08 13.56 -2.11
C TYR A 8 11.39 12.22 -1.47
N CYS A 9 10.87 11.16 -2.07
CA CYS A 9 11.01 9.81 -1.57
C CYS A 9 11.77 8.99 -2.59
N GLY A 10 12.80 8.28 -2.15
CA GLY A 10 13.49 7.39 -3.04
C GLY A 10 14.99 7.54 -2.95
N PRO A 11 15.69 7.24 -4.05
CA PRO A 11 15.10 6.90 -5.36
C PRO A 11 14.52 5.49 -5.37
N CYS A 12 13.55 5.23 -6.23
CA CYS A 12 12.94 3.91 -6.41
C CYS A 12 12.69 3.71 -7.87
N PRO A 13 12.55 2.46 -8.32
CA PRO A 13 11.99 2.21 -9.65
C PRO A 13 10.55 2.69 -9.66
N LYS A 14 10.06 3.05 -10.85
CA LYS A 14 8.77 3.73 -10.96
C LYS A 14 7.60 2.85 -10.51
N ASN A 15 7.66 1.55 -10.75
CA ASN A 15 6.56 0.68 -10.38
C ASN A 15 6.67 0.13 -8.97
N TRP A 16 7.50 0.72 -8.11
CA TRP A 16 7.56 0.34 -6.71
C TRP A 16 6.93 1.40 -5.82
N ILE A 17 6.36 0.94 -4.70
CA ILE A 17 5.87 1.82 -3.65
C ILE A 17 7.06 2.43 -2.93
N CYS A 18 7.05 3.76 -2.74
CA CYS A 18 8.05 4.39 -1.89
C CYS A 18 7.42 4.89 -0.61
N TYR A 19 8.09 4.61 0.50
CA TYR A 19 7.65 5.09 1.81
C TYR A 19 8.90 5.31 2.63
N LYS A 20 9.10 6.55 3.08
CA LYS A 20 10.22 6.90 3.95
C LYS A 20 11.56 6.44 3.36
N ASN A 21 11.68 6.59 2.04
CA ASN A 21 12.85 6.33 1.21
C ASN A 21 13.16 4.85 0.98
N ASN A 22 12.36 3.93 1.50
CA ASN A 22 12.49 2.52 1.15
C ASN A 22 11.48 2.24 0.05
N CYS A 23 11.82 1.28 -0.82
CA CYS A 23 11.04 0.93 -2.00
C CYS A 23 10.51 -0.49 -1.78
N TYR A 24 9.21 -0.70 -2.03
CA TYR A 24 8.57 -2.00 -1.81
C TYR A 24 7.85 -2.47 -3.07
N GLN A 25 7.90 -3.78 -3.32
CA GLN A 25 7.14 -4.38 -4.40
C GLN A 25 6.57 -5.71 -3.95
N PHE A 26 5.28 -5.92 -4.24
CA PHE A 26 4.57 -7.13 -3.87
C PHE A 26 4.53 -8.08 -5.07
N PHE A 27 4.80 -9.35 -4.83
CA PHE A 27 4.80 -10.37 -5.87
C PHE A 27 3.74 -11.42 -5.57
N ASP A 28 2.77 -11.57 -6.48
CA ASP A 28 1.66 -12.50 -6.24
C ASP A 28 1.93 -13.91 -6.72
N GLU A 29 2.92 -14.12 -7.59
CA GLU A 29 3.25 -15.45 -8.05
C GLU A 29 4.06 -16.16 -6.96
N GLU A 30 3.53 -17.26 -6.43
CA GLU A 30 4.08 -17.85 -5.21
C GLU A 30 5.37 -18.63 -5.48
N LYS A 31 6.32 -18.49 -4.56
CA LYS A 31 7.63 -19.10 -4.69
C LYS A 31 8.11 -19.50 -3.30
N ASN A 32 8.98 -20.51 -3.23
CA ASN A 32 9.58 -20.83 -1.94
C ASN A 32 10.49 -19.69 -1.50
N TRP A 33 11.01 -19.78 -0.27
CA TRP A 33 11.75 -18.66 0.28
C TRP A 33 12.98 -18.37 -0.57
N TYR A 34 13.70 -19.41 -0.99
CA TYR A 34 14.94 -19.24 -1.75
C TYR A 34 14.66 -18.62 -3.12
N GLU A 35 13.62 -19.08 -3.81
CA GLU A 35 13.28 -18.56 -5.13
C GLU A 35 12.78 -17.12 -5.04
N SER A 36 12.10 -16.79 -3.94
CA SER A 36 11.69 -15.42 -3.67
C SER A 36 12.91 -14.52 -3.49
N GLN A 37 13.88 -14.97 -2.67
CA GLN A 37 15.10 -14.18 -2.53
C GLN A 37 15.79 -14.01 -3.87
N ALA A 38 15.85 -15.07 -4.67
CA ALA A 38 16.50 -14.97 -5.98
C ALA A 38 15.78 -13.98 -6.88
N SER A 39 14.46 -13.95 -6.79
CA SER A 39 13.68 -12.98 -7.58
C SER A 39 13.99 -11.56 -7.15
N CYS A 40 14.01 -11.30 -5.84
CA CYS A 40 14.35 -9.96 -5.39
C CYS A 40 15.77 -9.57 -5.82
N MET A 41 16.74 -10.51 -5.73
CA MET A 41 18.09 -10.20 -6.16
CA MET A 41 18.10 -10.22 -6.15
C MET A 41 18.16 -9.88 -7.62
N SER A 42 17.40 -10.58 -8.46
CA SER A 42 17.36 -10.28 -9.89
C SER A 42 16.80 -8.89 -10.18
N GLN A 43 16.21 -8.23 -9.20
CA GLN A 43 15.74 -6.86 -9.38
C GLN A 43 16.56 -5.87 -8.56
N ASN A 44 17.79 -6.25 -8.24
CA ASN A 44 18.69 -5.42 -7.44
C ASN A 44 18.10 -5.10 -6.08
N ALA A 45 17.47 -6.11 -5.47
CA ALA A 45 16.73 -5.92 -4.24
C ALA A 45 16.91 -7.16 -3.37
N SER A 46 16.27 -7.13 -2.22
CA SER A 46 16.31 -8.23 -1.26
C SER A 46 14.89 -8.45 -0.77
N LEU A 47 14.64 -9.58 -0.11
CA LEU A 47 13.34 -9.73 0.53
C LEU A 47 13.22 -8.70 1.64
N LEU A 48 11.98 -8.32 1.96
CA LEU A 48 11.68 -7.37 3.03
C LEU A 48 12.56 -7.57 4.24
N LYS A 49 13.16 -6.49 4.73
CA LYS A 49 13.88 -6.48 6.00
C LYS A 49 13.17 -5.51 6.93
N VAL A 50 12.82 -5.99 8.12
CA VAL A 50 12.15 -5.14 9.11
C VAL A 50 13.19 -4.65 10.10
N TYR A 51 13.44 -3.34 10.08
CA TYR A 51 14.41 -2.74 10.97
C TYR A 51 13.86 -1.62 11.82
N SER A 52 12.68 -1.08 11.53
CA SER A 52 12.17 0.02 12.34
C SER A 52 10.66 0.11 12.23
N LYS A 53 9.98 0.09 13.39
CA LYS A 53 8.53 0.27 13.39
C LYS A 53 8.15 1.64 12.88
N GLU A 54 8.91 2.68 13.26
CA GLU A 54 8.53 4.04 12.87
C GLU A 54 8.76 4.28 11.39
N ASP A 55 9.95 3.93 10.87
CA ASP A 55 10.25 4.18 9.46
C ASP A 55 9.52 3.22 8.52
N GLN A 56 8.96 2.13 9.03
CA GLN A 56 8.24 1.15 8.23
C GLN A 56 6.83 0.93 8.75
N ASP A 57 6.21 1.97 9.32
CA ASP A 57 4.86 1.80 9.88
C ASP A 57 3.81 1.45 8.83
N LEU A 58 4.10 1.67 7.54
CA LEU A 58 3.19 1.19 6.48
C LEU A 58 2.95 -0.31 6.57
N LEU A 59 3.86 -1.06 7.19
CA LEU A 59 3.69 -2.50 7.30
C LEU A 59 2.51 -2.88 8.16
N LYS A 60 2.00 -1.96 8.99
CA LYS A 60 0.76 -2.21 9.73
C LYS A 60 -0.41 -2.49 8.78
N LEU A 61 -0.34 -1.99 7.56
CA LEU A 61 -1.42 -2.11 6.60
C LEU A 61 -1.26 -3.27 5.64
N VAL A 62 -0.18 -4.03 5.77
CA VAL A 62 0.14 -5.11 4.84
C VAL A 62 -0.52 -6.37 5.36
N LYS A 63 -1.52 -6.83 4.63
CA LYS A 63 -2.35 -7.97 4.98
C LYS A 63 -1.83 -9.20 4.25
N SER A 64 -2.52 -10.32 4.44
CA SER A 64 -2.00 -11.60 3.94
C SER A 64 -0.69 -12.01 4.62
N TYR A 65 0.07 -12.91 3.99
CA TYR A 65 1.27 -13.45 4.62
C TYR A 65 2.31 -13.52 3.52
N HIS A 66 3.47 -12.92 3.74
CA HIS A 66 4.43 -12.77 2.64
C HIS A 66 5.82 -13.11 3.12
N TRP A 67 6.61 -13.77 2.26
CA TRP A 67 8.01 -14.03 2.63
C TRP A 67 8.71 -12.71 2.95
N MET A 68 9.45 -12.70 4.06
CA MET A 68 10.44 -11.67 4.33
C MET A 68 11.79 -12.35 4.49
N GLY A 69 12.84 -11.56 4.59
CA GLY A 69 14.18 -12.12 4.54
C GLY A 69 14.75 -12.66 5.83
N LEU A 70 13.89 -13.13 6.73
CA LEU A 70 14.30 -13.57 8.06
C LEU A 70 14.44 -15.10 8.10
N VAL A 71 15.58 -15.58 8.59
CA VAL A 71 15.88 -17.01 8.59
C VAL A 71 16.50 -17.37 9.92
N HIS A 72 16.39 -18.65 10.28
CA HIS A 72 17.00 -19.18 11.49
C HIS A 72 18.11 -20.12 11.10
N TRP A 79 17.39 -15.38 15.15
CA TRP A 79 16.92 -15.16 13.77
C TRP A 79 17.77 -14.10 13.06
N GLN A 80 18.03 -14.18 11.76
CA GLN A 80 18.83 -13.14 11.12
C GLN A 80 18.37 -12.89 9.68
N TRP A 81 18.73 -11.73 9.16
CA TRP A 81 18.31 -11.27 7.84
C TRP A 81 19.23 -11.84 6.75
N GLU A 82 18.80 -11.75 5.49
CA GLU A 82 19.62 -12.20 4.36
C GLU A 82 21.03 -11.62 4.44
N ASP A 83 21.13 -10.32 4.70
CA ASP A 83 22.43 -9.65 4.71
C ASP A 83 23.30 -10.06 5.90
N GLY A 84 22.89 -11.02 6.73
CA GLY A 84 23.69 -11.43 7.87
C GLY A 84 23.48 -10.63 9.13
N SER A 85 22.80 -9.49 9.07
CA SER A 85 22.51 -8.73 10.28
C SER A 85 21.48 -9.45 11.12
N SER A 86 21.53 -9.25 12.42
CA SER A 86 20.57 -9.99 13.21
C SER A 86 19.36 -9.14 13.53
N LEU A 87 18.27 -9.85 13.79
CA LEU A 87 17.00 -9.24 14.11
C LEU A 87 17.14 -8.33 15.34
N SER A 88 16.73 -7.08 15.20
CA SER A 88 16.82 -6.20 16.35
C SER A 88 15.63 -6.45 17.29
N PRO A 89 15.82 -6.20 18.59
CA PRO A 89 14.76 -6.49 19.54
C PRO A 89 13.61 -5.48 19.41
N ASN A 90 12.43 -5.92 19.84
CA ASN A 90 11.24 -5.07 19.93
C ASN A 90 10.66 -4.71 18.57
N LEU A 91 10.86 -5.58 17.59
CA LEU A 91 10.35 -5.31 16.25
C LEU A 91 9.25 -6.25 15.85
N LEU A 92 9.44 -7.56 16.01
CA LEU A 92 8.50 -8.55 15.51
C LEU A 92 8.13 -9.52 16.61
N THR A 93 6.85 -9.98 16.57
CA THR A 93 6.34 -11.08 17.39
C THR A 93 6.33 -12.34 16.51
N ILE A 94 7.19 -13.29 16.83
CA ILE A 94 7.40 -14.48 16.01
C ILE A 94 6.56 -15.63 16.56
N ILE A 95 5.70 -16.18 15.72
CA ILE A 95 4.72 -17.20 16.10
C ILE A 95 4.94 -18.43 15.24
N GLU A 96 4.90 -19.61 15.84
CA GLU A 96 5.04 -20.85 15.08
C GLU A 96 3.78 -21.12 14.27
N MET A 97 3.96 -21.63 13.05
CA MET A 97 2.82 -22.03 12.24
C MET A 97 3.09 -23.39 11.60
N GLN A 98 4.16 -23.46 10.80
CA GLN A 98 4.60 -24.67 10.12
C GLN A 98 6.06 -24.88 10.50
N LYS A 99 6.44 -26.12 10.78
CA LYS A 99 7.83 -26.40 11.14
C LYS A 99 8.77 -25.87 10.05
N GLY A 100 9.71 -25.02 10.43
CA GLY A 100 10.65 -24.53 9.43
C GLY A 100 11.60 -23.49 9.97
N ASP A 101 12.44 -22.99 9.05
CA ASP A 101 13.55 -22.08 9.35
C ASP A 101 13.40 -20.72 8.69
N CYS A 102 12.24 -20.42 8.12
CA CYS A 102 11.97 -19.15 7.45
C CYS A 102 10.76 -18.48 8.10
N ALA A 103 10.49 -17.23 7.72
CA ALA A 103 9.36 -16.54 8.33
C ALA A 103 8.57 -15.69 7.34
N LEU A 104 7.24 -15.72 7.48
CA LEU A 104 6.32 -14.88 6.72
C LEU A 104 5.98 -13.64 7.53
N TYR A 105 6.00 -12.47 6.88
CA TYR A 105 5.49 -11.26 7.50
C TYR A 105 3.97 -11.27 7.49
N ALA A 106 3.35 -10.89 8.61
CA ALA A 106 1.92 -10.63 8.67
C ALA A 106 1.67 -9.42 9.55
N SER A 107 0.55 -8.75 9.29
CA SER A 107 0.11 -7.60 10.07
C SER A 107 -0.32 -8.05 11.46
N SER A 108 0.08 -7.31 12.51
CA SER A 108 0.93 -6.11 12.50
C SER A 108 2.26 -6.44 13.17
N PHE A 109 3.36 -6.37 12.42
CA PHE A 109 4.69 -6.66 12.97
C PHE A 109 4.77 -8.05 13.60
N LYS A 110 4.22 -9.03 12.89
CA LYS A 110 4.29 -10.45 13.25
C LYS A 110 5.11 -11.21 12.21
N GLY A 111 5.76 -12.28 12.66
CA GLY A 111 6.42 -13.22 11.76
C GLY A 111 5.89 -14.61 12.05
N TYR A 112 5.36 -15.30 11.06
CA TYR A 112 4.91 -16.69 11.23
C TYR A 112 5.96 -17.62 10.67
N ILE A 113 6.40 -18.57 11.49
CA ILE A 113 7.41 -19.51 11.06
C ILE A 113 6.82 -20.46 10.03
N GLU A 114 7.60 -20.73 8.98
CA GLU A 114 7.09 -21.41 7.79
C GLU A 114 8.24 -22.23 7.21
N ASN A 115 7.91 -23.40 6.67
CA ASN A 115 8.95 -24.17 6.00
C ASN A 115 9.44 -23.38 4.80
N CYS A 116 10.77 -23.25 4.68
CA CYS A 116 11.34 -22.44 3.61
C CYS A 116 10.94 -22.95 2.23
N SER A 117 10.57 -24.23 2.10
CA SER A 117 10.18 -24.76 0.81
C SER A 117 8.71 -24.52 0.45
N THR A 118 7.91 -23.93 1.33
CA THR A 118 6.51 -23.74 1.00
C THR A 118 6.32 -22.53 0.10
N PRO A 119 5.64 -22.67 -1.03
CA PRO A 119 5.38 -21.52 -1.90
C PRO A 119 4.49 -20.48 -1.20
N ASN A 120 4.86 -19.21 -1.33
CA ASN A 120 4.12 -18.11 -0.76
C ASN A 120 4.36 -16.85 -1.60
N THR A 121 3.46 -15.89 -1.49
CA THR A 121 3.76 -14.56 -2.03
C THR A 121 4.90 -13.91 -1.24
N TYR A 122 5.44 -12.83 -1.78
CA TYR A 122 6.63 -12.25 -1.18
C TYR A 122 6.70 -10.76 -1.46
N ILE A 123 7.47 -10.08 -0.63
CA ILE A 123 7.70 -8.64 -0.73
C ILE A 123 9.18 -8.42 -0.93
N CYS A 124 9.54 -7.68 -1.96
CA CYS A 124 10.94 -7.29 -2.08
C CYS A 124 11.07 -5.83 -1.69
N MET A 125 12.27 -5.47 -1.28
CA MET A 125 12.58 -4.15 -0.79
C MET A 125 13.93 -3.70 -1.33
N GLN A 126 14.00 -2.45 -1.75
CA GLN A 126 15.21 -1.81 -2.24
C GLN A 126 15.43 -0.54 -1.45
N ARG A 127 16.70 -0.19 -1.26
CA ARG A 127 17.11 1.13 -0.76
C ARG A 127 18.35 1.56 -1.52
N THR A 128 18.38 2.82 -1.99
CA THR A 128 19.56 3.37 -2.64
C THR A 128 20.13 4.49 -1.77
N THR B 5 15.60 1.37 -13.61
CA THR B 5 16.04 2.75 -13.50
C THR B 5 15.43 3.44 -12.28
N GLU B 6 16.24 4.19 -11.55
CA GLU B 6 15.85 4.79 -10.28
C GLU B 6 15.45 6.25 -10.47
N SER B 7 14.36 6.66 -9.82
CA SER B 7 13.98 8.07 -9.84
C SER B 7 13.34 8.44 -8.51
N TYR B 8 13.31 9.74 -8.25
CA TYR B 8 12.73 10.27 -7.02
C TYR B 8 11.23 10.48 -7.20
N CYS B 9 10.51 10.29 -6.10
CA CYS B 9 9.06 10.30 -6.08
C CYS B 9 8.57 11.48 -5.25
N GLY B 10 7.58 12.21 -5.76
CA GLY B 10 6.90 13.18 -4.92
C GLY B 10 6.96 14.58 -5.50
N PRO B 11 7.02 15.60 -4.63
CA PRO B 11 7.21 15.45 -3.18
C PRO B 11 5.95 15.00 -2.45
N CYS B 12 6.13 14.42 -1.26
CA CYS B 12 5.06 13.95 -0.40
C CYS B 12 5.40 14.27 1.03
N PRO B 13 4.43 14.35 1.94
CA PRO B 13 4.76 14.39 3.36
C PRO B 13 5.29 13.03 3.81
N LYS B 14 6.01 13.03 4.93
CA LYS B 14 6.83 11.87 5.28
C LYS B 14 6.00 10.61 5.55
N ASN B 15 4.83 10.75 6.18
CA ASN B 15 3.99 9.60 6.53
C ASN B 15 3.05 9.16 5.40
N TRP B 16 3.30 9.57 4.16
CA TRP B 16 2.46 9.19 3.03
C TRP B 16 3.22 8.26 2.08
N ILE B 17 2.48 7.34 1.47
CA ILE B 17 3.01 6.49 0.41
C ILE B 17 3.14 7.32 -0.86
N CYS B 18 4.26 7.19 -1.56
CA CYS B 18 4.42 7.85 -2.84
C CYS B 18 4.51 6.82 -3.95
N TYR B 19 3.75 7.06 -5.02
CA TYR B 19 3.74 6.18 -6.19
C TYR B 19 3.48 7.02 -7.42
N LYS B 20 4.45 7.01 -8.35
CA LYS B 20 4.32 7.74 -9.60
C LYS B 20 3.93 9.20 -9.37
N ASN B 21 4.58 9.81 -8.37
CA ASN B 21 4.49 11.21 -8.00
C ASN B 21 3.20 11.62 -7.30
N ASN B 22 2.28 10.69 -7.06
CA ASN B 22 1.10 10.93 -6.23
C ASN B 22 1.34 10.41 -4.81
N CYS B 23 0.71 11.08 -3.84
CA CYS B 23 0.85 10.80 -2.42
C CYS B 23 -0.46 10.24 -1.89
N TYR B 24 -0.39 9.15 -1.13
CA TYR B 24 -1.58 8.49 -0.61
C TYR B 24 -1.45 8.24 0.88
N GLN B 25 -2.56 8.41 1.60
CA GLN B 25 -2.58 8.07 3.02
C GLN B 25 -3.92 7.43 3.36
N PHE B 26 -3.85 6.27 4.00
CA PHE B 26 -5.05 5.56 4.43
C PHE B 26 -5.44 6.00 5.83
N PHE B 27 -6.74 6.16 6.06
CA PHE B 27 -7.28 6.50 7.38
C PHE B 27 -8.26 5.42 7.81
N ASP B 28 -7.96 4.74 8.92
CA ASP B 28 -8.78 3.63 9.41
C ASP B 28 -9.94 4.06 10.32
N GLU B 29 -10.01 5.33 10.73
CA GLU B 29 -11.09 5.82 11.57
C GLU B 29 -12.30 6.08 10.67
N GLU B 30 -13.43 5.44 10.94
CA GLU B 30 -14.55 5.53 10.01
C GLU B 30 -15.26 6.87 10.13
N LYS B 31 -15.49 7.51 8.98
CA LYS B 31 -16.19 8.78 8.88
C LYS B 31 -17.12 8.71 7.68
N ASN B 32 -18.17 9.52 7.70
CA ASN B 32 -19.02 9.65 6.53
C ASN B 32 -18.26 10.43 5.44
N TRP B 33 -18.85 10.51 4.24
CA TRP B 33 -18.07 11.11 3.14
C TRP B 33 -17.67 12.54 3.46
N TYR B 34 -18.60 13.32 4.02
CA TYR B 34 -18.36 14.72 4.28
C TYR B 34 -17.23 14.91 5.28
N GLU B 35 -17.24 14.12 6.36
CA GLU B 35 -16.19 14.22 7.38
C GLU B 35 -14.86 13.74 6.83
N SER B 36 -14.89 12.75 5.94
CA SER B 36 -13.67 12.26 5.30
C SER B 36 -13.06 13.32 4.40
N GLN B 37 -13.89 13.99 3.60
CA GLN B 37 -13.40 15.09 2.78
C GLN B 37 -12.80 16.20 3.64
N ALA B 38 -13.47 16.56 4.73
CA ALA B 38 -12.93 17.57 5.62
C ALA B 38 -11.59 17.14 6.22
N SER B 39 -11.45 15.86 6.55
CA SER B 39 -10.19 15.35 7.10
C SER B 39 -9.06 15.53 6.09
N CYS B 40 -9.26 15.10 4.84
CA CYS B 40 -8.23 15.28 3.82
C CYS B 40 -7.91 16.75 3.63
N MET B 41 -8.92 17.61 3.65
CA MET B 41 -8.60 19.01 3.39
C MET B 41 -7.74 19.59 4.52
N SER B 42 -7.92 19.12 5.75
CA SER B 42 -7.08 19.64 6.82
C SER B 42 -5.61 19.27 6.64
N GLN B 43 -5.31 18.25 5.83
CA GLN B 43 -3.95 17.84 5.52
C GLN B 43 -3.49 18.39 4.18
N ASN B 44 -4.13 19.46 3.69
CA ASN B 44 -3.81 20.04 2.38
C ASN B 44 -3.95 19.01 1.27
N ALA B 45 -5.02 18.21 1.34
CA ALA B 45 -5.21 17.11 0.41
C ALA B 45 -6.68 17.01 0.06
N SER B 46 -7.01 16.00 -0.73
CA SER B 46 -8.40 15.69 -1.09
C SER B 46 -8.59 14.19 -0.96
N LEU B 47 -9.84 13.75 -1.08
CA LEU B 47 -10.08 12.31 -1.19
C LEU B 47 -9.50 11.78 -2.50
N LEU B 48 -9.18 10.49 -2.51
CA LEU B 48 -8.63 9.83 -3.70
C LEU B 48 -9.36 10.26 -4.97
N LYS B 49 -8.58 10.65 -5.99
CA LYS B 49 -9.12 10.88 -7.33
C LYS B 49 -8.49 9.83 -8.23
N VAL B 50 -9.31 9.13 -9.00
CA VAL B 50 -8.82 8.08 -9.90
C VAL B 50 -8.84 8.63 -11.32
N TYR B 51 -7.64 8.77 -11.91
CA TYR B 51 -7.54 9.34 -13.27
C TYR B 51 -6.83 8.43 -14.28
N SER B 52 -6.14 7.38 -13.85
CA SER B 52 -5.36 6.56 -14.78
C SER B 52 -5.09 5.19 -14.18
N LYS B 53 -5.46 4.15 -14.91
CA LYS B 53 -5.15 2.80 -14.45
C LYS B 53 -3.65 2.51 -14.51
N GLU B 54 -2.91 3.23 -15.34
CA GLU B 54 -1.47 3.00 -15.42
C GLU B 54 -0.74 3.77 -14.32
N ASP B 55 -1.00 5.07 -14.22
CA ASP B 55 -0.35 5.91 -13.23
C ASP B 55 -0.74 5.52 -11.81
N GLN B 56 -1.86 4.82 -11.64
CA GLN B 56 -2.37 4.46 -10.33
C GLN B 56 -2.62 2.97 -10.22
N ASP B 57 -1.78 2.16 -10.88
CA ASP B 57 -1.99 0.71 -10.83
C ASP B 57 -1.79 0.13 -9.43
N LEU B 58 -1.14 0.83 -8.50
CA LEU B 58 -1.14 0.37 -7.11
C LEU B 58 -2.55 0.19 -6.54
N LEU B 59 -3.54 0.87 -7.10
CA LEU B 59 -4.91 0.73 -6.61
C LEU B 59 -5.43 -0.69 -6.80
N LYS B 60 -4.81 -1.50 -7.68
CA LYS B 60 -5.20 -2.90 -7.76
C LYS B 60 -4.88 -3.65 -6.48
N LEU B 61 -3.97 -3.12 -5.67
CA LEU B 61 -3.55 -3.78 -4.44
C LEU B 61 -4.32 -3.34 -3.23
N VAL B 62 -5.20 -2.37 -3.35
CA VAL B 62 -5.91 -1.84 -2.17
C VAL B 62 -7.01 -2.84 -1.78
N LYS B 63 -7.00 -3.26 -0.52
CA LYS B 63 -7.97 -4.23 -0.03
C LYS B 63 -9.05 -3.46 0.72
N SER B 64 -10.29 -3.99 0.75
CA SER B 64 -11.46 -3.34 1.38
C SER B 64 -11.99 -2.19 0.52
N TYR B 65 -12.91 -1.39 1.06
CA TYR B 65 -13.52 -0.31 0.29
C TYR B 65 -13.40 0.93 1.17
N HIS B 66 -13.23 2.10 0.53
CA HIS B 66 -12.76 3.33 1.17
C HIS B 66 -13.34 4.49 0.39
N TRP B 67 -13.73 5.55 1.11
CA TRP B 67 -14.23 6.74 0.43
C TRP B 67 -13.19 7.26 -0.56
N MET B 68 -13.68 7.61 -1.74
CA MET B 68 -12.94 8.40 -2.72
C MET B 68 -13.72 9.67 -3.02
N GLY B 69 -13.12 10.57 -3.79
CA GLY B 69 -13.73 11.87 -3.97
C GLY B 69 -14.82 11.98 -5.03
N LEU B 70 -15.52 10.90 -5.33
CA LEU B 70 -16.49 10.90 -6.44
C LEU B 70 -17.91 11.07 -5.91
N VAL B 71 -18.66 12.05 -6.45
CA VAL B 71 -19.97 12.43 -5.92
C VAL B 71 -20.94 12.70 -7.07
N HIS B 72 -22.23 12.59 -6.77
CA HIS B 72 -23.28 12.83 -7.77
C HIS B 72 -24.01 14.10 -7.39
N GLY B 77 -26.67 15.97 -13.76
CA GLY B 77 -25.33 15.78 -14.28
C GLY B 77 -24.88 14.34 -14.23
N SER B 78 -23.56 14.14 -14.09
CA SER B 78 -22.92 12.83 -13.99
C SER B 78 -22.20 12.73 -12.65
N TRP B 79 -21.42 11.68 -12.47
CA TRP B 79 -20.51 11.61 -11.32
C TRP B 79 -19.31 12.51 -11.59
N GLN B 80 -18.91 13.27 -10.58
CA GLN B 80 -17.78 14.19 -10.73
C GLN B 80 -16.88 14.11 -9.50
N TRP B 81 -15.62 14.50 -9.71
CA TRP B 81 -14.65 14.55 -8.63
C TRP B 81 -14.80 15.84 -7.82
N GLU B 82 -14.18 15.87 -6.64
CA GLU B 82 -14.23 17.07 -5.81
C GLU B 82 -13.72 18.29 -6.56
N ASP B 83 -12.79 18.09 -7.50
CA ASP B 83 -12.21 19.22 -8.22
C ASP B 83 -13.06 19.69 -9.40
N GLY B 84 -14.26 19.13 -9.55
CA GLY B 84 -15.16 19.55 -10.61
C GLY B 84 -14.99 18.83 -11.92
N SER B 85 -13.92 18.06 -12.08
CA SER B 85 -13.71 17.33 -13.33
C SER B 85 -14.63 16.12 -13.40
N SER B 86 -14.85 15.66 -14.64
CA SER B 86 -15.67 14.50 -14.91
C SER B 86 -14.89 13.21 -14.65
N LEU B 87 -15.63 12.14 -14.35
CA LEU B 87 -15.05 10.82 -14.30
C LEU B 87 -14.69 10.36 -15.71
N SER B 88 -13.43 9.98 -15.92
CA SER B 88 -13.00 9.59 -17.25
C SER B 88 -13.57 8.22 -17.57
N PRO B 89 -13.95 7.99 -18.81
CA PRO B 89 -14.58 6.70 -19.16
C PRO B 89 -13.58 5.57 -19.07
N ASN B 90 -14.14 4.37 -18.90
CA ASN B 90 -13.39 3.10 -18.91
C ASN B 90 -12.31 3.05 -17.83
N LEU B 91 -12.50 3.76 -16.70
CA LEU B 91 -11.60 3.75 -15.54
CA LEU B 91 -11.60 3.76 -15.54
C LEU B 91 -12.16 2.92 -14.40
N LEU B 92 -13.46 3.07 -14.11
CA LEU B 92 -14.11 2.40 -12.99
C LEU B 92 -15.40 1.69 -13.43
N THR B 93 -15.62 0.52 -12.85
CA THR B 93 -16.90 -0.19 -12.96
C THR B 93 -17.76 0.28 -11.80
N ILE B 94 -18.84 0.99 -12.10
CA ILE B 94 -19.70 1.56 -11.07
C ILE B 94 -20.78 0.54 -10.72
N ILE B 95 -20.94 0.26 -9.43
CA ILE B 95 -21.88 -0.75 -8.96
C ILE B 95 -22.80 -0.13 -7.91
N GLU B 96 -24.10 -0.39 -8.03
CA GLU B 96 -25.05 0.16 -7.07
C GLU B 96 -25.06 -0.68 -5.80
N MET B 97 -24.72 -0.08 -4.66
CA MET B 97 -24.73 -0.80 -3.37
C MET B 97 -25.76 -0.27 -2.39
N GLN B 98 -25.84 1.05 -2.23
CA GLN B 98 -26.82 1.70 -1.36
C GLN B 98 -27.44 2.87 -2.10
N LYS B 99 -28.57 3.34 -1.60
CA LYS B 99 -29.10 4.62 -2.08
C LYS B 99 -28.12 5.70 -1.65
N GLY B 100 -27.53 6.43 -2.59
CA GLY B 100 -26.61 7.48 -2.18
C GLY B 100 -26.01 8.24 -3.33
N ASP B 101 -25.28 9.30 -2.98
CA ASP B 101 -24.68 10.25 -3.92
C ASP B 101 -23.16 10.33 -3.79
N CYS B 102 -22.54 9.40 -3.07
CA CYS B 102 -21.09 9.31 -2.97
C CYS B 102 -20.63 7.92 -3.40
N ALA B 103 -19.31 7.73 -3.53
CA ALA B 103 -18.81 6.44 -3.99
C ALA B 103 -17.57 6.00 -3.23
N LEU B 104 -17.51 4.70 -2.98
CA LEU B 104 -16.34 4.06 -2.38
C LEU B 104 -15.49 3.44 -3.47
N TYR B 105 -14.18 3.53 -3.32
CA TYR B 105 -13.27 2.75 -4.14
C TYR B 105 -13.18 1.32 -3.61
N ALA B 106 -13.17 0.35 -4.52
CA ALA B 106 -12.80 -1.02 -4.21
C ALA B 106 -12.00 -1.64 -5.36
N SER B 107 -11.07 -2.54 -5.03
CA SER B 107 -10.27 -3.22 -6.05
C SER B 107 -11.11 -4.26 -6.78
N SER B 108 -10.89 -4.43 -8.09
CA SER B 108 -9.95 -3.66 -8.89
C SER B 108 -10.70 -2.62 -9.72
N PHE B 109 -10.44 -1.35 -9.44
CA PHE B 109 -11.04 -0.24 -10.20
C PHE B 109 -12.58 -0.33 -10.26
N LYS B 110 -13.19 -0.56 -9.10
CA LYS B 110 -14.63 -0.49 -8.93
C LYS B 110 -15.00 0.73 -8.10
N GLY B 111 -16.20 1.25 -8.35
CA GLY B 111 -16.78 2.27 -7.51
C GLY B 111 -18.13 1.84 -7.01
N TYR B 112 -18.32 1.80 -5.69
CA TYR B 112 -19.60 1.41 -5.10
C TYR B 112 -20.39 2.67 -4.78
N ILE B 113 -21.58 2.78 -5.36
CA ILE B 113 -22.49 3.84 -4.95
C ILE B 113 -22.94 3.59 -3.50
N GLU B 114 -22.75 4.60 -2.64
CA GLU B 114 -22.84 4.48 -1.20
C GLU B 114 -23.57 5.69 -0.61
N ASN B 115 -24.37 5.46 0.43
CA ASN B 115 -24.96 6.58 1.16
C ASN B 115 -23.84 7.45 1.72
N CYS B 116 -23.88 8.75 1.40
CA CYS B 116 -22.80 9.63 1.86
C CYS B 116 -22.70 9.68 3.38
N SER B 117 -23.78 9.33 4.08
CA SER B 117 -23.79 9.36 5.54
C SER B 117 -23.23 8.09 6.19
N THR B 118 -22.90 7.06 5.42
CA THR B 118 -22.40 5.83 6.04
C THR B 118 -20.93 6.01 6.45
N PRO B 119 -20.57 5.73 7.70
CA PRO B 119 -19.15 5.75 8.06
C PRO B 119 -18.37 4.69 7.28
N ASN B 120 -17.22 5.10 6.74
CA ASN B 120 -16.28 4.21 6.06
C ASN B 120 -14.85 4.70 6.30
N THR B 121 -13.88 3.81 6.13
CA THR B 121 -12.48 4.23 6.04
C THR B 121 -12.29 5.04 4.75
N TYR B 122 -11.18 5.76 4.66
CA TYR B 122 -11.00 6.65 3.52
C TYR B 122 -9.54 6.81 3.14
N ILE B 123 -9.33 7.30 1.92
CA ILE B 123 -8.02 7.48 1.32
C ILE B 123 -7.89 8.93 0.91
N CYS B 124 -6.91 9.63 1.47
CA CYS B 124 -6.53 10.95 1.02
C CYS B 124 -5.41 10.87 -0.01
N MET B 125 -5.36 11.89 -0.85
CA MET B 125 -4.40 11.98 -1.93
C MET B 125 -3.88 13.41 -2.07
N GLN B 126 -2.60 13.54 -2.37
CA GLN B 126 -1.97 14.83 -2.59
C GLN B 126 -1.05 14.70 -3.79
N ARG B 127 -0.94 15.79 -4.55
CA ARG B 127 0.00 15.85 -5.66
C ARG B 127 0.41 17.31 -5.75
N THR B 128 1.67 17.58 -5.46
CA THR B 128 2.27 18.92 -5.52
C THR B 128 2.58 19.28 -6.97
C1 PGE C . 3.00 -2.52 16.33
O1 PGE C . 3.42 -1.73 17.44
C2 PGE C . 2.78 -3.95 16.77
O2 PGE C . 4.02 -4.56 17.03
C3 PGE C . 3.96 -5.95 17.31
C4 PGE C . 5.36 -6.46 17.62
O4 PGE C . 7.56 -4.25 20.41
C6 PGE C . 7.23 -5.61 20.70
C5 PGE C . 6.92 -6.35 19.42
O3 PGE C . 5.89 -5.71 18.69
C1 PGE D . -2.37 -13.89 17.66
O1 PGE D . -1.55 -12.90 17.06
C2 PGE D . -3.69 -13.96 16.92
O2 PGE D . -3.47 -14.11 15.54
C3 PGE D . -4.65 -14.11 14.76
C4 PGE D . -4.34 -14.34 13.28
O4 PGE D . -1.68 -11.72 11.47
C6 PGE D . -2.84 -12.11 10.73
C5 PGE D . -3.37 -13.37 11.39
O3 PGE D . -3.81 -13.15 12.72
C1 PEG E . 0.81 -2.66 -9.17
O1 PEG E . 1.00 -4.03 -8.92
C2 PEG E . 1.87 -1.77 -8.53
O2 PEG E . 2.37 -2.33 -7.34
C3 PEG E . 3.53 -1.73 -6.83
C4 PEG E . 3.98 -2.44 -5.56
O4 PEG E . 4.03 -3.83 -5.76
C1 PGE F . -2.63 3.54 10.34
O1 PGE F . -3.06 4.88 10.53
C2 PGE F . -1.12 3.49 10.50
O2 PGE F . -0.49 4.14 9.40
C3 PGE F . 0.59 3.41 8.85
C4 PGE F . 1.29 4.19 7.75
O4 PGE F . -1.27 5.48 4.92
C6 PGE F . 0.00 5.12 4.40
C5 PGE F . 1.00 5.03 5.54
O3 PGE F . 0.53 4.17 6.56
C1 PGE G . -14.33 -0.44 -17.68
O1 PGE G . -15.01 0.71 -17.15
C2 PGE G . -12.88 -0.39 -17.31
O2 PGE G . -12.59 -1.25 -16.26
C3 PGE G . -12.67 -0.68 -14.97
C4 PGE G . -12.16 -1.75 -14.03
O4 PGE G . -8.26 -3.28 -15.35
C6 PGE G . -8.78 -3.42 -14.10
C5 PGE G . -10.21 -3.08 -13.70
O3 PGE G . -11.15 -2.60 -14.60
C11 ZW7 H . -1.51 -7.47 -2.11
C12 ZW7 H . -1.41 -8.23 -3.37
C14 ZW7 H . -0.39 -7.52 -1.13
C16 ZW7 H . -0.64 -7.06 0.27
C17 ZW7 H . -1.42 -2.64 0.76
C18 ZW7 H . -0.48 -2.41 1.78
C19 ZW7 H . 0.47 -1.38 1.67
C2 ZW7 H . -4.33 -2.55 1.78
C20 ZW7 H . 0.45 -0.56 0.54
C21 ZW7 H . -0.51 -0.79 -0.46
C22 ZW7 H . -1.43 -1.82 -0.36
C23 ZW7 H . -0.51 0.05 -1.67
C27 ZW7 H . -4.98 -2.11 2.98
C28 ZW7 H . -5.44 -3.07 3.86
C29 ZW7 H . -6.10 -2.65 5.00
C30 ZW7 H . -6.33 -1.28 5.24
C31 ZW7 H . -5.86 -0.33 4.34
C32 ZW7 H . -5.18 -0.76 3.20
C33 ZW7 H . -4.71 0.28 2.37
C34 ZW7 H . -5.60 1.25 1.92
C35 ZW7 H . -5.14 2.31 1.14
C36 ZW7 H . -3.78 2.37 0.84
C37 ZW7 H . -2.90 1.39 1.30
C38 ZW7 H . -3.35 0.34 2.07
C39 ZW7 H . -3.29 3.50 0.03
C4 ZW7 H . -2.43 -3.75 0.89
C5 ZW7 H . -1.79 -5.07 1.14
C8 ZW7 H . -0.64 -5.13 -1.09
C9 ZW7 H . -0.55 -6.30 -2.01
F24 ZW7 H . 0.17 1.22 -1.61
F25 ZW7 H . 0.15 -0.55 -2.68
F26 ZW7 H . -1.72 0.35 -2.22
F40 ZW7 H . -4.15 3.94 -0.93
F41 ZW7 H . -2.96 4.54 0.82
F42 ZW7 H . -2.13 3.29 -0.64
N3 ZW7 H . -3.19 -3.30 1.99
N7 ZW7 H . -1.25 -5.74 0.07
O1 ZW7 H . -4.85 -2.21 0.74
O13 ZW7 H . -2.01 -9.47 -3.07
O6 ZW7 H . -1.84 -5.56 2.24
#